data_9H1E
#
_entry.id   9H1E
#
_cell.length_a   56.423
_cell.length_b   84.783
_cell.length_c   134.112
_cell.angle_alpha   90.000
_cell.angle_beta   90.000
_cell.angle_gamma   90.000
#
_symmetry.space_group_name_H-M   'P 21 21 21'
#
loop_
_entity.id
_entity.type
_entity.pdbx_description
1 polymer 'Angiotensin-converting enzyme'
2 branched alpha-D-mannopyranose-(1-3)-beta-D-mannopyranose-(1-4)-2-acetamido-2-deoxy-beta-D-glucopyranose-(1-4)-[alpha-L-fucopyranose-(1-6)]2-acetamido-2-deoxy-beta-D-glucopyranose
3 non-polymer 2-acetamido-2-deoxy-beta-D-glucopyranose
4 non-polymer 'BORIC ACID'
5 non-polymer 'MALONIC ACID'
6 non-polymer 'ZINC ION'
7 non-polymer 'CHLORIDE ION'
8 non-polymer '(2~{S})-2-[[(2~{S})-6-azanyl-2-[[(2~{S})-3-phenyl-2-sulfanyl-propanoyl]amino]hexanoyl]amino]-3-(1~{H}-indol-3-yl)propanoic acid'
9 water water
#
_entity_poly.entity_id   1
_entity_poly.type   'polypeptide(L)'
_entity_poly.pdbx_seq_one_letter_code
;LVTDEAEASKFVEEYDRTSQVVWNEYAGANWNYNTNITTETSKILLQKNMQIAQHTLKYGTQARKFDVNQLQNTTIKRII
KKVQDLERAALPAQELEEYNKILLDMETTYSVATVCHPQGSCLQLEPDLTNVMATSRKYEDLLWAWEGWRDKAGRAILQF
YPKYVELINQAARLNGYVDAGDSWRSMYETPSLEQDLERLFQELQPLYLNLHAYVRRALHRHYGAQHINLEGPIPAHLLG
NMWAQTWSNIYDLVVPFPSAPSMDTTEAMLKQGWTPRRMFKEADDFFTSLGLLPVPPEFWQKSMLEKPTDGREVVCHASA
WDFYNGKDFRIKQCTTVNLEDLVVAHHEMGHIQYFMQYKDLPVALREGANPGFHEAIGDVLALSVSTPKHLHSLNLLSSE
GGSDEHDINFLMKMALDKIAFIPFSYLVDQWRWRVFDGSITKENYNQEWWSLRLKYQGLCPPVPRTQGDFDPGAKFHIPS
SVPYIRYFVSFIIQFQFHEALCQAAGHTGPLHKCDIYQSKEAGQRLATAMKLGFSRPWPEAMQLITGQPQMSASAMLSYF
KPLLDWLRTENELHGEKLGWPQYNWTPNSARSEGPLP
;
_entity_poly.pdbx_strand_id   A
#
# COMPACT_ATOMS: atom_id res chain seq x y z
N ASP A 4 -20.64 24.43 26.44
CA ASP A 4 -20.42 23.70 27.73
C ASP A 4 -19.72 22.36 27.49
N GLU A 5 -18.77 22.07 28.38
CA GLU A 5 -17.98 20.86 28.30
C GLU A 5 -18.86 19.62 28.46
N ALA A 6 -19.95 19.73 29.23
CA ALA A 6 -20.81 18.58 29.50
C ALA A 6 -21.60 18.17 28.26
N GLU A 7 -22.17 19.13 27.52
CA GLU A 7 -22.86 18.77 26.29
C GLU A 7 -21.90 18.15 25.28
N ALA A 8 -20.67 18.67 25.20
CA ALA A 8 -19.70 18.10 24.25
C ALA A 8 -19.33 16.66 24.61
N SER A 9 -19.14 16.38 25.91
CA SER A 9 -18.79 15.03 26.33
C SER A 9 -19.94 14.06 26.05
N LYS A 10 -21.17 14.49 26.33
CA LYS A 10 -22.34 13.66 26.06
C LYS A 10 -22.45 13.37 24.59
N PHE A 11 -22.17 14.39 23.77
CA PHE A 11 -22.26 14.22 22.33
C PHE A 11 -21.30 13.13 21.84
N VAL A 12 -20.05 13.18 22.31
CA VAL A 12 -19.06 12.17 21.89
C VAL A 12 -19.46 10.78 22.33
N GLU A 13 -20.06 10.64 23.52
CA GLU A 13 -20.53 9.33 23.99
C GLU A 13 -21.63 8.80 23.08
N GLU A 14 -22.60 9.65 22.74
CA GLU A 14 -23.69 9.25 21.86
C GLU A 14 -23.17 8.90 20.46
N TYR A 15 -22.25 9.71 19.93
CA TYR A 15 -21.68 9.43 18.62
C TYR A 15 -20.96 8.10 18.64
N ASP A 16 -20.24 7.81 19.71
N ASP A 16 -20.23 7.81 19.71
CA ASP A 16 -19.49 6.56 19.76
CA ASP A 16 -19.48 6.55 19.74
C ASP A 16 -20.42 5.35 19.78
C ASP A 16 -20.42 5.34 19.78
N ARG A 17 -21.48 5.41 20.58
CA ARG A 17 -22.39 4.27 20.72
C ARG A 17 -23.08 3.96 19.41
N THR A 18 -23.62 4.98 18.78
CA THR A 18 -24.39 4.81 17.55
C THR A 18 -23.48 4.49 16.37
N SER A 19 -22.28 5.06 16.34
CA SER A 19 -21.35 4.75 15.26
C SER A 19 -20.95 3.28 15.26
N GLN A 20 -20.72 2.71 16.45
CA GLN A 20 -20.38 1.29 16.52
C GLN A 20 -21.42 0.45 15.80
N VAL A 21 -22.70 0.74 16.06
CA VAL A 21 -23.78 -0.06 15.46
C VAL A 21 -23.84 0.13 13.94
N VAL A 22 -23.89 1.38 13.49
N VAL A 22 -23.87 1.38 13.48
CA VAL A 22 -24.06 1.65 12.07
CA VAL A 22 -24.09 1.59 12.05
C VAL A 22 -22.84 1.20 11.27
C VAL A 22 -22.84 1.22 11.23
N TRP A 23 -21.65 1.48 11.77
CA TRP A 23 -20.46 1.11 11.03
C TRP A 23 -20.31 -0.41 10.97
N ASN A 24 -20.71 -1.12 12.02
CA ASN A 24 -20.67 -2.58 11.95
C ASN A 24 -21.61 -3.12 10.87
N GLU A 25 -22.79 -2.53 10.73
CA GLU A 25 -23.73 -2.98 9.70
C GLU A 25 -23.20 -2.65 8.31
N TYR A 26 -22.62 -1.46 8.13
CA TYR A 26 -22.06 -1.12 6.84
C TYR A 26 -20.92 -2.04 6.48
N ALA A 27 -20.04 -2.31 7.43
CA ALA A 27 -18.91 -3.18 7.15
C ALA A 27 -19.37 -4.56 6.70
N GLY A 28 -20.43 -5.10 7.31
CA GLY A 28 -20.94 -6.38 6.91
C GLY A 28 -21.44 -6.39 5.49
N ALA A 29 -22.15 -5.33 5.10
CA ALA A 29 -22.67 -5.28 3.74
C ALA A 29 -21.54 -5.09 2.74
N ASN A 30 -20.55 -4.28 3.10
CA ASN A 30 -19.43 -4.06 2.19
C ASN A 30 -18.63 -5.34 2.05
N TRP A 31 -18.42 -6.08 3.15
CA TRP A 31 -17.75 -7.37 3.08
C TRP A 31 -18.51 -8.34 2.18
N ASN A 32 -19.82 -8.40 2.36
CA ASN A 32 -20.62 -9.36 1.57
C ASN A 32 -20.56 -9.05 0.09
N TYR A 33 -20.48 -7.77 -0.29
N TYR A 33 -20.45 -7.78 -0.29
CA TYR A 33 -20.28 -7.42 -1.70
CA TYR A 33 -20.27 -7.46 -1.70
C TYR A 33 -18.87 -7.78 -2.16
C TYR A 33 -18.87 -7.81 -2.15
N ASN A 34 -17.85 -7.42 -1.38
CA ASN A 34 -16.46 -7.63 -1.79
C ASN A 34 -16.16 -9.10 -1.97
N THR A 35 -16.83 -9.99 -1.23
CA THR A 35 -16.61 -11.43 -1.26
C THR A 35 -17.65 -12.17 -2.08
N ASN A 36 -18.52 -11.45 -2.77
CA ASN A 36 -19.59 -12.09 -3.56
C ASN A 36 -20.30 -11.01 -4.35
N ILE A 37 -19.67 -10.60 -5.46
CA ILE A 37 -20.18 -9.51 -6.29
C ILE A 37 -21.41 -10.00 -7.05
N THR A 38 -22.57 -9.47 -6.69
CA THR A 38 -23.81 -9.83 -7.36
C THR A 38 -24.69 -8.59 -7.41
N THR A 39 -25.76 -8.68 -8.20
CA THR A 39 -26.70 -7.57 -8.23
C THR A 39 -27.32 -7.36 -6.85
N GLU A 40 -27.59 -8.45 -6.14
CA GLU A 40 -28.24 -8.33 -4.83
C GLU A 40 -27.31 -7.72 -3.78
N THR A 41 -26.09 -8.24 -3.65
CA THR A 41 -25.19 -7.65 -2.66
C THR A 41 -24.84 -6.21 -3.02
N SER A 42 -24.86 -5.85 -4.31
CA SER A 42 -24.63 -4.46 -4.70
C SER A 42 -25.78 -3.58 -4.19
N LYS A 43 -27.01 -4.03 -4.42
CA LYS A 43 -28.17 -3.23 -4.02
C LYS A 43 -28.15 -2.98 -2.52
N ILE A 44 -27.87 -4.01 -1.72
CA ILE A 44 -27.84 -3.85 -0.27
C ILE A 44 -26.74 -2.90 0.15
N LEU A 45 -25.56 -3.01 -0.48
CA LEU A 45 -24.48 -2.10 -0.12
C LEU A 45 -24.85 -0.64 -0.40
N LEU A 46 -25.42 -0.36 -1.57
CA LEU A 46 -25.83 1.02 -1.84
C LEU A 46 -26.85 1.49 -0.80
N GLN A 47 -27.74 0.59 -0.36
CA GLN A 47 -28.69 0.99 0.68
C GLN A 47 -27.99 1.30 1.99
N LYS A 48 -27.03 0.48 2.41
CA LYS A 48 -26.29 0.77 3.63
C LYS A 48 -25.44 2.03 3.48
N ASN A 49 -25.02 2.37 2.25
CA ASN A 49 -24.37 3.66 2.02
C ASN A 49 -25.28 4.82 2.43
N MET A 50 -26.56 4.73 2.10
CA MET A 50 -27.47 5.81 2.47
C MET A 50 -27.71 5.81 3.98
N GLN A 51 -27.74 4.64 4.62
CA GLN A 51 -27.95 4.59 6.07
C GLN A 51 -26.80 5.22 6.83
N ILE A 52 -25.57 4.92 6.44
CA ILE A 52 -24.41 5.47 7.09
C ILE A 52 -24.33 6.96 6.82
N ALA A 53 -24.73 7.41 5.61
CA ALA A 53 -24.75 8.84 5.33
C ALA A 53 -25.75 9.56 6.22
N GLN A 54 -26.92 8.96 6.46
CA GLN A 54 -27.90 9.58 7.35
C GLN A 54 -27.30 9.81 8.73
N HIS A 55 -26.58 8.81 9.24
CA HIS A 55 -25.93 8.93 10.55
C HIS A 55 -24.84 10.00 10.53
N THR A 56 -23.98 9.97 9.50
CA THR A 56 -22.89 10.93 9.40
C THR A 56 -23.46 12.34 9.34
N LEU A 57 -24.52 12.55 8.57
CA LEU A 57 -25.11 13.88 8.46
C LEU A 57 -25.70 14.33 9.78
N LYS A 58 -26.46 13.45 10.45
CA LYS A 58 -27.07 13.83 11.72
C LYS A 58 -26.01 14.27 12.72
N TYR A 59 -25.01 13.42 12.95
CA TYR A 59 -24.03 13.75 13.99
C TYR A 59 -23.06 14.84 13.53
N GLY A 60 -22.67 14.87 12.26
CA GLY A 60 -21.79 15.91 11.77
C GLY A 60 -22.43 17.28 11.82
N THR A 61 -23.72 17.35 11.52
CA THR A 61 -24.43 18.63 11.64
C THR A 61 -24.41 19.13 13.08
N GLN A 62 -24.59 18.23 14.04
N GLN A 62 -24.62 18.22 14.04
CA GLN A 62 -24.53 18.64 15.45
CA GLN A 62 -24.54 18.59 15.46
C GLN A 62 -23.11 19.01 15.85
C GLN A 62 -23.11 19.03 15.80
N ALA A 63 -22.11 18.27 15.35
CA ALA A 63 -20.74 18.56 15.73
C ALA A 63 -20.34 19.95 15.26
N ARG A 64 -20.86 20.37 14.11
CA ARG A 64 -20.55 21.69 13.57
C ARG A 64 -21.15 22.83 14.40
N LYS A 65 -22.14 22.54 15.25
CA LYS A 65 -22.73 23.60 16.10
C LYS A 65 -21.86 23.89 17.31
N PHE A 66 -20.93 23.01 17.64
CA PHE A 66 -19.96 23.31 18.69
C PHE A 66 -18.87 24.21 18.15
N ASP A 67 -18.45 25.19 18.95
CA ASP A 67 -17.26 26.00 18.66
C ASP A 67 -16.10 25.27 19.30
N VAL A 68 -15.34 24.54 18.49
CA VAL A 68 -14.23 23.73 19.03
C VAL A 68 -13.21 24.62 19.74
N ASN A 69 -13.13 25.90 19.38
CA ASN A 69 -12.13 26.77 20.00
C ASN A 69 -12.38 26.92 21.49
N GLN A 70 -13.63 26.75 21.94
CA GLN A 70 -13.98 26.93 23.35
C GLN A 70 -13.99 25.64 24.14
N LEU A 71 -13.69 24.51 23.53
CA LEU A 71 -13.63 23.24 24.25
C LEU A 71 -12.29 23.10 24.94
N GLN A 72 -12.31 22.75 26.21
CA GLN A 72 -11.09 22.66 27.02
C GLN A 72 -10.45 21.29 26.95
N ASN A 73 -11.25 20.21 26.97
CA ASN A 73 -10.66 18.87 26.93
C ASN A 73 -10.16 18.60 25.52
N THR A 74 -8.88 18.24 25.40
CA THR A 74 -8.27 18.12 24.09
C THR A 74 -8.75 16.90 23.33
N THR A 75 -9.11 15.82 24.03
CA THR A 75 -9.62 14.62 23.36
C THR A 75 -11.01 14.88 22.79
N ILE A 76 -11.89 15.50 23.59
CA ILE A 76 -13.22 15.83 23.13
C ILE A 76 -13.15 16.81 21.96
N LYS A 77 -12.28 17.82 22.07
CA LYS A 77 -12.08 18.79 21.00
C LYS A 77 -11.64 18.10 19.72
N ARG A 78 -10.70 17.16 19.83
CA ARG A 78 -10.19 16.48 18.65
C ARG A 78 -11.26 15.63 17.99
N ILE A 79 -12.05 14.91 18.78
CA ILE A 79 -13.07 14.05 18.20
C ILE A 79 -14.13 14.90 17.49
N ILE A 80 -14.60 15.94 18.15
CA ILE A 80 -15.65 16.77 17.58
C ILE A 80 -15.18 17.41 16.27
N LYS A 81 -13.95 17.94 16.26
CA LYS A 81 -13.41 18.51 15.03
C LYS A 81 -13.44 17.49 13.90
N LYS A 82 -13.03 16.25 14.18
N LYS A 82 -13.05 16.25 14.17
CA LYS A 82 -13.04 15.21 13.14
CA LYS A 82 -13.04 15.25 13.11
C LYS A 82 -14.46 14.95 12.65
C LYS A 82 -14.45 14.89 12.65
N VAL A 83 -15.42 14.87 13.56
CA VAL A 83 -16.80 14.52 13.21
C VAL A 83 -17.47 15.65 12.41
N GLN A 84 -16.93 16.85 12.45
CA GLN A 84 -17.44 17.94 11.62
C GLN A 84 -17.19 17.70 10.13
N ASP A 85 -16.29 16.75 9.78
CA ASP A 85 -16.03 16.37 8.39
C ASP A 85 -16.97 15.24 8.02
N LEU A 86 -17.95 15.55 7.18
CA LEU A 86 -19.00 14.63 6.77
C LEU A 86 -18.54 13.72 5.63
N GLU A 87 -17.37 13.98 5.06
CA GLU A 87 -16.92 13.26 3.86
C GLU A 87 -18.03 13.26 2.82
N ARG A 88 -18.31 12.13 2.17
CA ARG A 88 -19.29 12.12 1.08
C ARG A 88 -20.71 12.50 1.52
N ALA A 89 -21.05 12.33 2.79
CA ALA A 89 -22.38 12.68 3.30
C ALA A 89 -22.68 14.17 3.26
N ALA A 90 -21.69 15.02 2.96
CA ALA A 90 -21.93 16.42 2.70
C ALA A 90 -22.67 16.68 1.39
N LEU A 91 -22.64 15.70 0.46
CA LEU A 91 -23.25 15.93 -0.84
C LEU A 91 -24.77 15.96 -0.73
N PRO A 92 -25.43 16.76 -1.57
CA PRO A 92 -26.90 16.67 -1.68
C PRO A 92 -27.30 15.26 -2.13
N ALA A 93 -28.55 14.91 -1.82
CA ALA A 93 -28.95 13.50 -1.90
C ALA A 93 -28.74 12.94 -3.29
N GLN A 94 -29.12 13.69 -4.33
CA GLN A 94 -29.00 13.18 -5.69
C GLN A 94 -27.54 12.90 -6.06
N GLU A 95 -26.65 13.81 -5.73
CA GLU A 95 -25.24 13.62 -6.02
C GLU A 95 -24.62 12.55 -5.14
N LEU A 96 -25.08 12.40 -3.89
CA LEU A 96 -24.57 11.30 -3.07
C LEU A 96 -24.92 9.95 -3.69
N GLU A 97 -26.17 9.79 -4.12
CA GLU A 97 -26.57 8.55 -4.78
C GLU A 97 -25.70 8.29 -6.00
N GLU A 98 -25.48 9.33 -6.82
CA GLU A 98 -24.67 9.17 -8.03
C GLU A 98 -23.24 8.79 -7.67
N TYR A 99 -22.68 9.45 -6.66
CA TYR A 99 -21.30 9.16 -6.27
C TYR A 99 -21.15 7.74 -5.78
N ASN A 100 -22.06 7.29 -4.91
CA ASN A 100 -21.93 5.90 -4.41
C ASN A 100 -22.02 4.89 -5.54
N LYS A 101 -22.89 5.16 -6.52
CA LYS A 101 -23.03 4.28 -7.66
C LYS A 101 -21.77 4.28 -8.51
N ILE A 102 -21.18 5.45 -8.76
CA ILE A 102 -19.91 5.54 -9.50
C ILE A 102 -18.82 4.76 -8.80
N LEU A 103 -18.68 4.91 -7.50
CA LEU A 103 -17.66 4.16 -6.77
C LEU A 103 -17.87 2.65 -6.93
N LEU A 104 -19.11 2.20 -6.83
CA LEU A 104 -19.34 0.78 -6.93
C LEU A 104 -19.09 0.31 -8.36
N ASP A 105 -19.50 1.11 -9.34
CA ASP A 105 -19.29 0.71 -10.73
C ASP A 105 -17.81 0.66 -11.09
N MET A 106 -17.03 1.59 -10.60
CA MET A 106 -15.58 1.55 -10.85
C MET A 106 -14.95 0.31 -10.22
N GLU A 107 -15.29 0.04 -8.95
N GLU A 107 -15.32 0.01 -8.97
CA GLU A 107 -14.71 -1.12 -8.27
CA GLU A 107 -14.67 -1.11 -8.29
C GLU A 107 -15.07 -2.39 -9.00
C GLU A 107 -15.09 -2.45 -8.90
N THR A 108 -16.36 -2.57 -9.30
CA THR A 108 -16.84 -3.78 -9.97
C THR A 108 -16.15 -3.96 -11.32
N THR A 109 -16.09 -2.89 -12.11
CA THR A 109 -15.44 -2.95 -13.42
C THR A 109 -14.01 -3.44 -13.32
N TYR A 110 -13.24 -2.86 -12.41
CA TYR A 110 -11.84 -3.29 -12.25
C TYR A 110 -11.78 -4.75 -11.83
N SER A 111 -12.64 -5.14 -10.91
CA SER A 111 -12.53 -6.45 -10.28
C SER A 111 -12.94 -7.59 -11.21
N VAL A 112 -13.82 -7.33 -12.19
CA VAL A 112 -14.28 -8.40 -13.08
C VAL A 112 -13.64 -8.35 -14.46
N ALA A 113 -12.72 -7.42 -14.71
CA ALA A 113 -12.09 -7.31 -16.03
C ALA A 113 -11.24 -8.53 -16.35
N THR A 114 -11.28 -8.94 -17.62
CA THR A 114 -10.46 -10.05 -18.09
C THR A 114 -9.81 -9.67 -19.42
N VAL A 115 -8.73 -10.36 -19.74
CA VAL A 115 -7.98 -10.17 -20.99
C VAL A 115 -7.97 -11.51 -21.71
N CYS A 116 -8.53 -11.54 -22.93
CA CYS A 116 -8.82 -12.80 -23.62
C CYS A 116 -7.98 -12.96 -24.87
N HIS A 117 -7.42 -14.17 -25.04
CA HIS A 117 -6.81 -14.55 -26.31
C HIS A 117 -7.89 -14.79 -27.35
N PRO A 118 -7.60 -14.54 -28.63
CA PRO A 118 -8.63 -14.76 -29.67
C PRO A 118 -9.04 -16.22 -29.71
N GLN A 119 -10.36 -16.45 -29.61
CA GLN A 119 -10.91 -17.80 -29.47
C GLN A 119 -10.03 -18.65 -28.57
N GLY A 120 -9.55 -18.07 -27.48
CA GLY A 120 -8.71 -18.74 -26.51
C GLY A 120 -9.13 -18.43 -25.08
N SER A 121 -8.23 -18.61 -24.13
CA SER A 121 -8.60 -18.46 -22.72
C SER A 121 -8.59 -16.99 -22.32
N CYS A 122 -9.40 -16.68 -21.32
CA CYS A 122 -9.48 -15.35 -20.75
C CYS A 122 -8.79 -15.36 -19.38
N LEU A 123 -7.96 -14.36 -19.14
CA LEU A 123 -7.12 -14.29 -17.95
C LEU A 123 -7.60 -13.19 -17.02
N GLN A 124 -7.63 -13.49 -15.72
CA GLN A 124 -7.89 -12.47 -14.72
C GLN A 124 -6.57 -11.90 -14.23
N LEU A 125 -6.66 -10.75 -13.55
CA LEU A 125 -5.44 -10.12 -13.05
C LEU A 125 -4.77 -11.01 -12.02
N GLU A 126 -5.53 -11.50 -11.04
CA GLU A 126 -5.03 -12.40 -10.02
C GLU A 126 -5.66 -13.77 -10.24
N PRO A 127 -4.89 -14.84 -10.45
CA PRO A 127 -3.44 -14.91 -10.47
C PRO A 127 -2.84 -14.79 -11.85
N ASP A 128 -3.66 -14.82 -12.90
CA ASP A 128 -3.14 -15.20 -14.23
C ASP A 128 -2.20 -14.16 -14.82
N LEU A 129 -2.65 -12.91 -14.92
CA LEU A 129 -1.81 -11.87 -15.51
C LEU A 129 -0.62 -11.55 -14.61
N THR A 130 -0.83 -11.55 -13.29
CA THR A 130 0.26 -11.37 -12.32
C THR A 130 1.34 -12.42 -12.54
N ASN A 131 0.96 -13.67 -12.77
CA ASN A 131 1.93 -14.74 -13.00
C ASN A 131 2.67 -14.52 -14.33
N VAL A 132 1.98 -14.10 -15.40
CA VAL A 132 2.65 -13.83 -16.69
C VAL A 132 3.70 -12.75 -16.49
N MET A 133 3.33 -11.63 -15.86
CA MET A 133 4.29 -10.56 -15.67
C MET A 133 5.48 -11.01 -14.83
N ALA A 134 5.26 -11.88 -13.83
CA ALA A 134 6.35 -12.32 -12.97
C ALA A 134 7.32 -13.28 -13.64
N THR A 135 6.84 -14.12 -14.55
CA THR A 135 7.61 -15.25 -15.04
C THR A 135 7.98 -15.19 -16.51
N SER A 136 7.20 -14.55 -17.39
CA SER A 136 7.56 -14.55 -18.78
C SER A 136 8.80 -13.72 -18.99
N ARG A 137 9.68 -14.19 -19.89
CA ARG A 137 10.86 -13.44 -20.29
C ARG A 137 10.86 -13.17 -21.77
N LYS A 138 9.68 -13.12 -22.38
CA LYS A 138 9.49 -12.85 -23.81
C LYS A 138 8.82 -11.50 -23.96
N TYR A 139 9.49 -10.56 -24.65
CA TYR A 139 9.01 -9.21 -24.80
C TYR A 139 7.56 -9.14 -25.28
N GLU A 140 7.21 -9.94 -26.29
CA GLU A 140 5.88 -9.79 -26.87
C GLU A 140 4.81 -10.36 -25.97
N ASP A 141 5.12 -11.41 -25.22
CA ASP A 141 4.12 -11.98 -24.30
C ASP A 141 3.87 -11.02 -23.16
N LEU A 142 4.93 -10.44 -22.61
CA LEU A 142 4.78 -9.41 -21.59
C LEU A 142 3.99 -8.23 -22.13
N LEU A 143 4.24 -7.83 -23.39
CA LEU A 143 3.52 -6.70 -23.98
C LEU A 143 2.04 -7.02 -24.08
N TRP A 144 1.69 -8.23 -24.52
CA TRP A 144 0.28 -8.59 -24.63
C TRP A 144 -0.44 -8.42 -23.29
N ALA A 145 0.16 -8.95 -22.21
CA ALA A 145 -0.49 -8.84 -20.93
C ALA A 145 -0.58 -7.39 -20.47
N TRP A 146 0.51 -6.64 -20.61
CA TRP A 146 0.59 -5.26 -20.12
C TRP A 146 -0.41 -4.36 -20.87
N GLU A 147 -0.40 -4.44 -22.19
CA GLU A 147 -1.30 -3.64 -23.02
C GLU A 147 -2.73 -4.12 -22.82
N GLY A 148 -2.93 -5.46 -22.74
CA GLY A 148 -4.28 -5.97 -22.61
C GLY A 148 -4.96 -5.54 -21.34
N TRP A 149 -4.25 -5.55 -20.22
CA TRP A 149 -4.81 -5.12 -18.95
C TRP A 149 -5.21 -3.65 -19.02
N ARG A 150 -4.37 -2.83 -19.61
CA ARG A 150 -4.71 -1.40 -19.79
C ARG A 150 -5.89 -1.22 -20.71
N ASP A 151 -5.99 -2.02 -21.77
CA ASP A 151 -7.10 -1.88 -22.70
C ASP A 151 -8.43 -2.29 -22.08
N LYS A 152 -8.44 -3.31 -21.25
CA LYS A 152 -9.67 -3.87 -20.68
C LYS A 152 -10.05 -3.27 -19.31
N ALA A 153 -9.11 -3.00 -18.41
CA ALA A 153 -9.42 -2.35 -17.15
C ALA A 153 -9.32 -0.82 -17.27
N GLY A 154 -8.16 -0.29 -17.72
CA GLY A 154 -7.99 1.15 -17.67
C GLY A 154 -8.97 1.90 -18.56
N ARG A 155 -9.14 1.44 -19.80
N ARG A 155 -9.11 1.47 -19.80
CA ARG A 155 -10.05 2.12 -20.72
CA ARG A 155 -10.07 2.15 -20.68
C ARG A 155 -11.50 2.06 -20.21
C ARG A 155 -11.47 2.13 -20.09
N ALA A 156 -11.86 1.02 -19.46
CA ALA A 156 -13.21 0.88 -18.93
C ALA A 156 -13.49 1.75 -17.72
N ILE A 157 -12.47 2.22 -17.02
CA ILE A 157 -12.67 3.15 -15.91
C ILE A 157 -12.87 4.59 -16.42
N LEU A 158 -12.34 4.92 -17.58
CA LEU A 158 -12.32 6.31 -18.02
C LEU A 158 -13.71 6.95 -18.05
N GLN A 159 -14.76 6.21 -18.45
CA GLN A 159 -16.07 6.81 -18.55
C GLN A 159 -16.57 7.35 -17.23
N PHE A 160 -16.08 6.83 -16.12
CA PHE A 160 -16.55 7.26 -14.81
C PHE A 160 -15.70 8.34 -14.16
N TYR A 161 -14.44 8.46 -14.59
CA TYR A 161 -13.51 9.20 -13.74
C TYR A 161 -13.78 10.71 -13.67
N PRO A 162 -14.12 11.39 -14.76
CA PRO A 162 -14.39 12.83 -14.61
C PRO A 162 -15.51 13.13 -13.64
N LYS A 163 -16.60 12.35 -13.66
CA LYS A 163 -17.70 12.58 -12.72
C LYS A 163 -17.29 12.23 -11.30
N TYR A 164 -16.53 11.15 -11.11
CA TYR A 164 -15.95 10.86 -9.82
C TYR A 164 -15.17 12.07 -9.28
N VAL A 165 -14.30 12.65 -10.11
CA VAL A 165 -13.48 13.78 -9.65
C VAL A 165 -14.36 14.97 -9.26
N GLU A 166 -15.34 15.30 -10.11
CA GLU A 166 -16.26 16.38 -9.81
C GLU A 166 -16.91 16.16 -8.41
N LEU A 167 -17.43 14.96 -8.18
CA LEU A 167 -18.21 14.74 -6.97
C LEU A 167 -17.33 14.65 -5.71
N ILE A 168 -16.18 14.00 -5.78
CA ILE A 168 -15.32 13.91 -4.57
C ILE A 168 -14.77 15.29 -4.25
N ASN A 169 -14.45 16.10 -5.28
CA ASN A 169 -14.04 17.47 -4.99
C ASN A 169 -15.17 18.31 -4.41
N GLN A 170 -16.39 18.13 -4.93
CA GLN A 170 -17.53 18.86 -4.37
C GLN A 170 -17.72 18.52 -2.90
N ALA A 171 -17.63 17.23 -2.57
CA ALA A 171 -17.73 16.85 -1.17
C ALA A 171 -16.62 17.49 -0.33
N ALA A 172 -15.40 17.49 -0.84
CA ALA A 172 -14.28 18.09 -0.12
C ALA A 172 -14.51 19.58 0.13
N ARG A 173 -15.04 20.31 -0.87
CA ARG A 173 -15.30 21.74 -0.68
C ARG A 173 -16.40 21.98 0.36
N LEU A 174 -17.43 21.11 0.37
CA LEU A 174 -18.50 21.20 1.35
C LEU A 174 -18.00 20.87 2.76
N ASN A 175 -16.84 20.27 2.91
CA ASN A 175 -16.25 19.99 4.18
C ASN A 175 -15.13 20.98 4.55
N GLY A 176 -14.95 22.01 3.75
CA GLY A 176 -14.02 23.07 4.10
C GLY A 176 -12.66 23.00 3.45
N TYR A 177 -12.41 22.05 2.57
CA TYR A 177 -11.15 21.92 1.87
C TYR A 177 -11.26 22.59 0.49
N VAL A 178 -10.11 22.72 -0.20
CA VAL A 178 -10.21 23.31 -1.53
C VAL A 178 -10.48 22.28 -2.61
N ASP A 179 -10.10 21.04 -2.37
CA ASP A 179 -10.29 19.93 -3.29
C ASP A 179 -10.01 18.62 -2.52
N ALA A 180 -10.30 17.49 -3.15
CA ALA A 180 -10.14 16.21 -2.48
C ALA A 180 -8.70 15.88 -2.12
N GLY A 181 -7.75 16.38 -2.90
CA GLY A 181 -6.33 16.13 -2.54
C GLY A 181 -5.92 16.86 -1.26
N ASP A 182 -6.40 18.09 -1.12
CA ASP A 182 -6.25 18.82 0.17
C ASP A 182 -6.85 18.03 1.33
N SER A 183 -8.06 17.49 1.15
CA SER A 183 -8.67 16.68 2.19
C SER A 183 -7.82 15.47 2.53
N TRP A 184 -7.32 14.76 1.51
CA TRP A 184 -6.53 13.58 1.81
C TRP A 184 -5.22 13.90 2.50
N ARG A 185 -4.53 14.96 2.06
CA ARG A 185 -3.24 15.32 2.66
C ARG A 185 -3.45 15.68 4.13
N SER A 186 -4.61 16.23 4.44
N SER A 186 -4.59 16.25 4.45
CA SER A 186 -4.89 16.71 5.79
CA SER A 186 -4.86 16.71 5.82
C SER A 186 -4.88 15.56 6.81
C SER A 186 -4.96 15.56 6.82
N MET A 187 -5.03 14.31 6.35
CA MET A 187 -5.03 13.17 7.25
C MET A 187 -3.71 13.06 8.02
N TYR A 188 -2.63 13.68 7.54
CA TYR A 188 -1.34 13.64 8.18
C TYR A 188 -1.13 14.77 9.20
N GLU A 189 -2.03 15.75 9.23
CA GLU A 189 -1.94 16.86 10.20
C GLU A 189 -0.55 17.49 10.15
N THR A 190 -0.01 17.65 8.94
CA THR A 190 1.38 18.09 8.77
C THR A 190 1.43 19.12 7.63
N PRO A 191 1.37 20.42 7.97
CA PRO A 191 1.32 21.42 6.92
C PRO A 191 2.51 21.39 5.99
N SER A 192 3.68 20.93 6.47
CA SER A 192 4.87 20.82 5.64
C SER A 192 4.91 19.50 4.82
N LEU A 193 3.81 18.75 4.69
CA LEU A 193 3.88 17.40 4.13
C LEU A 193 4.51 17.38 2.75
N GLU A 194 4.09 18.28 1.83
CA GLU A 194 4.61 18.15 0.47
C GLU A 194 6.12 18.32 0.43
N GLN A 195 6.66 19.26 1.14
CA GLN A 195 8.10 19.48 1.10
C GLN A 195 8.82 18.37 1.85
N ASP A 196 8.22 17.88 2.94
CA ASP A 196 8.83 16.78 3.68
C ASP A 196 9.00 15.57 2.79
N LEU A 197 7.95 15.26 2.04
CA LEU A 197 7.98 14.07 1.19
C LEU A 197 8.97 14.25 0.05
N GLU A 198 9.01 15.44 -0.55
CA GLU A 198 9.96 15.74 -1.61
C GLU A 198 11.39 15.57 -1.12
N ARG A 199 11.71 16.03 0.10
CA ARG A 199 13.06 15.86 0.61
C ARG A 199 13.40 14.37 0.77
N LEU A 200 12.46 13.58 1.27
CA LEU A 200 12.72 12.14 1.44
C LEU A 200 12.94 11.50 0.09
N PHE A 201 12.13 11.86 -0.92
CA PHE A 201 12.33 11.29 -2.25
C PHE A 201 13.71 11.63 -2.76
N GLN A 202 14.15 12.86 -2.56
CA GLN A 202 15.47 13.27 -3.10
C GLN A 202 16.59 12.49 -2.43
N GLU A 203 16.45 12.20 -1.14
CA GLU A 203 17.50 11.48 -0.45
C GLU A 203 17.64 10.05 -0.97
N LEU A 204 16.59 9.47 -1.52
CA LEU A 204 16.64 8.11 -2.08
C LEU A 204 17.12 8.08 -3.53
N GLN A 205 17.41 9.24 -4.13
CA GLN A 205 17.81 9.27 -5.52
C GLN A 205 19.14 8.59 -5.82
N PRO A 206 20.18 8.72 -5.04
CA PRO A 206 21.41 7.95 -5.35
C PRO A 206 21.12 6.46 -5.48
N LEU A 207 20.39 5.90 -4.54
CA LEU A 207 20.14 4.48 -4.56
C LEU A 207 19.25 4.11 -5.74
N TYR A 208 18.16 4.85 -5.95
CA TYR A 208 17.28 4.49 -7.07
C TYR A 208 17.99 4.64 -8.40
N LEU A 209 18.65 5.76 -8.62
CA LEU A 209 19.31 5.94 -9.93
C LEU A 209 20.33 4.85 -10.22
N ASN A 210 21.08 4.45 -9.19
CA ASN A 210 22.07 3.40 -9.34
C ASN A 210 21.40 2.03 -9.60
N LEU A 211 20.33 1.72 -8.86
CA LEU A 211 19.59 0.51 -9.09
C LEU A 211 19.01 0.47 -10.50
N HIS A 212 18.42 1.57 -10.92
CA HIS A 212 17.84 1.69 -12.26
C HIS A 212 18.87 1.44 -13.34
N ALA A 213 20.03 2.07 -13.23
CA ALA A 213 21.07 1.90 -14.26
C ALA A 213 21.53 0.44 -14.31
N TYR A 214 21.72 -0.19 -13.15
CA TYR A 214 22.21 -1.57 -13.11
C TYR A 214 21.18 -2.53 -13.73
N VAL A 215 19.92 -2.38 -13.37
CA VAL A 215 18.85 -3.18 -13.95
C VAL A 215 18.72 -2.92 -15.45
N ARG A 216 18.79 -1.67 -15.88
CA ARG A 216 18.72 -1.34 -17.30
C ARG A 216 19.82 -2.06 -18.07
N ARG A 217 21.05 -2.13 -17.55
CA ARG A 217 22.12 -2.87 -18.20
C ARG A 217 21.78 -4.36 -18.30
N ALA A 218 21.22 -4.93 -17.23
CA ALA A 218 20.86 -6.35 -17.28
C ALA A 218 19.73 -6.62 -18.26
N LEU A 219 18.76 -5.74 -18.36
CA LEU A 219 17.69 -5.90 -19.36
C LEU A 219 18.24 -5.77 -20.77
N HIS A 220 19.22 -4.91 -20.98
CA HIS A 220 19.89 -4.80 -22.28
C HIS A 220 20.52 -6.12 -22.66
N ARG A 221 21.12 -6.81 -21.71
CA ARG A 221 21.74 -8.11 -21.99
C ARG A 221 20.69 -9.14 -22.37
N HIS A 222 19.55 -9.15 -21.72
CA HIS A 222 18.58 -10.22 -22.01
C HIS A 222 17.66 -9.92 -23.18
N TYR A 223 17.10 -8.72 -23.24
CA TYR A 223 16.11 -8.33 -24.25
C TYR A 223 16.71 -7.78 -25.51
N GLY A 224 17.99 -7.42 -25.52
CA GLY A 224 18.70 -7.02 -26.70
C GLY A 224 18.92 -5.52 -26.81
N ALA A 225 20.02 -5.16 -27.45
CA ALA A 225 20.40 -3.78 -27.60
C ALA A 225 19.39 -2.94 -28.35
N GLN A 226 18.66 -3.55 -29.28
CA GLN A 226 17.67 -2.77 -30.04
C GLN A 226 16.45 -2.41 -29.22
N HIS A 227 16.27 -3.00 -28.02
CA HIS A 227 15.11 -2.76 -27.23
C HIS A 227 15.36 -2.06 -25.91
N ILE A 228 16.62 -1.81 -25.57
CA ILE A 228 16.99 -1.10 -24.35
C ILE A 228 17.98 -0.01 -24.73
N ASN A 229 17.63 1.23 -24.42
CA ASN A 229 18.51 2.38 -24.58
C ASN A 229 19.25 2.59 -23.25
N LEU A 230 20.56 2.44 -23.29
CA LEU A 230 21.40 2.51 -22.08
C LEU A 230 21.45 3.92 -21.50
N GLU A 231 20.93 4.92 -22.22
CA GLU A 231 20.86 6.29 -21.70
C GLU A 231 19.42 6.78 -21.56
N GLY A 232 18.45 5.87 -21.62
CA GLY A 232 17.06 6.26 -21.60
C GLY A 232 16.22 5.53 -20.57
N PRO A 233 14.92 5.76 -20.61
CA PRO A 233 14.01 5.11 -19.68
C PRO A 233 13.84 3.64 -20.03
N ILE A 234 13.41 2.87 -19.04
CA ILE A 234 13.20 1.43 -19.20
C ILE A 234 11.77 1.14 -19.62
N PRO A 235 11.53 0.28 -20.61
CA PRO A 235 10.16 -0.10 -20.96
C PRO A 235 9.40 -0.69 -19.79
N ALA A 236 8.18 -0.21 -19.57
CA ALA A 236 7.46 -0.44 -18.31
C ALA A 236 6.92 -1.84 -18.12
N HIS A 237 7.03 -2.73 -19.11
CA HIS A 237 6.49 -4.08 -19.03
C HIS A 237 7.56 -5.13 -18.68
N LEU A 238 8.78 -4.74 -18.40
CA LEU A 238 9.90 -5.67 -18.24
C LEU A 238 10.34 -5.92 -16.83
N LEU A 239 9.66 -5.36 -15.82
CA LEU A 239 10.17 -5.33 -14.44
C LEU A 239 9.56 -6.41 -13.56
N GLY A 240 8.72 -7.31 -14.11
CA GLY A 240 8.24 -8.44 -13.34
C GLY A 240 6.92 -8.24 -12.65
N ASN A 241 6.31 -7.10 -12.86
CA ASN A 241 5.14 -6.61 -12.12
C ASN A 241 4.30 -5.79 -13.08
N MET A 242 2.98 -5.89 -12.94
CA MET A 242 2.09 -5.20 -13.88
C MET A 242 2.31 -3.70 -13.93
N TRP A 243 2.69 -3.10 -12.81
CA TRP A 243 2.83 -1.65 -12.67
C TRP A 243 4.28 -1.23 -12.58
N ALA A 244 5.22 -2.18 -12.66
CA ALA A 244 6.65 -1.87 -12.46
C ALA A 244 6.87 -1.21 -11.12
N GLN A 245 6.04 -1.54 -10.13
CA GLN A 245 6.15 -0.91 -8.82
C GLN A 245 7.15 -1.58 -7.89
N THR A 246 7.36 -2.89 -8.07
CA THR A 246 8.35 -3.69 -7.37
C THR A 246 8.94 -4.57 -8.45
N TRP A 247 10.26 -4.86 -8.35
CA TRP A 247 11.02 -5.45 -9.40
C TRP A 247 11.60 -6.80 -8.99
N SER A 248 11.19 -7.34 -7.84
CA SER A 248 11.91 -8.54 -7.36
C SER A 248 11.71 -9.77 -8.22
N ASN A 249 10.68 -9.82 -9.08
CA ASN A 249 10.50 -11.02 -9.87
C ASN A 249 11.50 -11.12 -11.00
N ILE A 250 12.28 -10.09 -11.29
CA ILE A 250 13.37 -10.18 -12.25
C ILE A 250 14.73 -10.32 -11.59
N TYR A 251 14.76 -10.76 -10.33
CA TYR A 251 16.03 -11.08 -9.65
C TYR A 251 16.93 -12.00 -10.49
N ASP A 252 16.36 -13.05 -11.11
CA ASP A 252 17.17 -13.99 -11.86
C ASP A 252 17.91 -13.33 -13.02
N LEU A 253 17.42 -12.21 -13.54
CA LEU A 253 18.09 -11.49 -14.60
C LEU A 253 19.18 -10.57 -14.11
N VAL A 254 19.22 -10.27 -12.81
CA VAL A 254 20.12 -9.23 -12.31
C VAL A 254 20.97 -9.70 -11.14
N VAL A 255 21.11 -10.99 -10.90
CA VAL A 255 21.83 -11.49 -9.75
C VAL A 255 23.25 -10.91 -9.64
N PRO A 256 23.60 -10.25 -8.55
CA PRO A 256 24.95 -9.65 -8.46
C PRO A 256 26.05 -10.67 -8.55
N PHE A 257 25.92 -11.78 -7.81
CA PHE A 257 26.93 -12.84 -7.77
C PHE A 257 26.26 -14.14 -8.18
N PRO A 258 26.26 -14.45 -9.47
CA PRO A 258 25.62 -15.71 -9.92
C PRO A 258 26.30 -16.95 -9.38
N SER A 259 27.57 -16.86 -8.94
CA SER A 259 28.25 -17.99 -8.33
C SER A 259 27.77 -18.30 -6.93
N ALA A 260 26.88 -17.48 -6.37
CA ALA A 260 26.25 -17.71 -5.07
C ALA A 260 24.74 -17.88 -5.32
N PRO A 261 24.35 -19.01 -5.89
CA PRO A 261 22.94 -19.22 -6.23
C PRO A 261 22.07 -19.41 -4.98
N SER A 262 20.80 -19.06 -5.13
CA SER A 262 19.83 -19.03 -4.05
C SER A 262 18.62 -19.91 -4.40
N MET A 263 18.06 -20.53 -3.38
CA MET A 263 16.98 -21.48 -3.57
C MET A 263 15.77 -20.85 -4.22
N ASP A 264 15.03 -21.69 -4.97
CA ASP A 264 13.75 -21.28 -5.58
C ASP A 264 12.71 -21.34 -4.47
N THR A 265 12.36 -20.18 -3.92
CA THR A 265 11.52 -20.17 -2.73
C THR A 265 10.10 -20.62 -3.02
N THR A 266 9.58 -20.32 -4.23
CA THR A 266 8.21 -20.75 -4.56
C THR A 266 8.18 -22.25 -4.64
N GLU A 267 9.17 -22.84 -5.32
CA GLU A 267 9.19 -24.29 -5.44
C GLU A 267 9.36 -24.93 -4.08
N ALA A 268 10.15 -24.30 -3.19
CA ALA A 268 10.30 -24.84 -1.85
C ALA A 268 8.98 -24.76 -1.09
N MET A 269 8.30 -23.60 -1.16
CA MET A 269 7.00 -23.47 -0.49
C MET A 269 5.98 -24.48 -1.04
N LEU A 270 5.97 -24.68 -2.36
CA LEU A 270 5.03 -25.64 -2.96
C LEU A 270 5.41 -27.09 -2.64
N LYS A 271 6.70 -27.44 -2.75
CA LYS A 271 7.12 -28.81 -2.47
C LYS A 271 6.89 -29.16 -1.02
N GLN A 272 6.96 -28.17 -0.12
CA GLN A 272 6.75 -28.41 1.29
C GLN A 272 5.30 -28.27 1.69
N GLY A 273 4.41 -28.07 0.72
CA GLY A 273 2.99 -28.10 0.98
C GLY A 273 2.44 -26.86 1.63
N TRP A 274 3.13 -25.72 1.52
CA TRP A 274 2.58 -24.50 2.08
C TRP A 274 1.25 -24.19 1.44
N THR A 275 0.35 -23.65 2.24
CA THR A 275 -0.99 -23.22 1.84
C THR A 275 -1.18 -21.80 2.32
N PRO A 276 -2.20 -21.12 1.83
CA PRO A 276 -2.51 -19.79 2.37
C PRO A 276 -2.70 -19.79 3.87
N ARG A 277 -3.38 -20.80 4.42
CA ARG A 277 -3.57 -20.81 5.88
C ARG A 277 -2.23 -20.90 6.61
N ARG A 278 -1.29 -21.69 6.11
CA ARG A 278 0.02 -21.77 6.74
C ARG A 278 0.72 -20.41 6.70
N MET A 279 0.55 -19.67 5.61
CA MET A 279 1.21 -18.37 5.51
C MET A 279 0.69 -17.43 6.57
N PHE A 280 -0.63 -17.38 6.76
CA PHE A 280 -1.21 -16.52 7.79
C PHE A 280 -0.87 -17.03 9.19
N LYS A 281 -0.81 -18.34 9.41
CA LYS A 281 -0.39 -18.87 10.72
C LYS A 281 1.02 -18.46 11.04
N GLU A 282 1.91 -18.46 10.05
CA GLU A 282 3.27 -17.99 10.28
C GLU A 282 3.29 -16.53 10.72
N ALA A 283 2.51 -15.68 10.05
CA ALA A 283 2.42 -14.29 10.44
C ALA A 283 1.88 -14.14 11.86
N ASP A 284 0.86 -14.90 12.21
CA ASP A 284 0.31 -14.83 13.56
C ASP A 284 1.38 -15.20 14.58
N ASP A 285 2.15 -16.22 14.29
CA ASP A 285 3.22 -16.63 15.18
C ASP A 285 4.27 -15.53 15.34
N PHE A 286 4.62 -14.85 14.25
CA PHE A 286 5.62 -13.79 14.41
C PHE A 286 5.13 -12.72 15.36
N PHE A 287 3.86 -12.25 15.16
CA PHE A 287 3.31 -11.26 16.10
C PHE A 287 3.31 -11.76 17.54
N THR A 288 2.82 -12.97 17.80
CA THR A 288 2.78 -13.43 19.17
C THR A 288 4.19 -13.67 19.72
N SER A 289 5.19 -13.95 18.85
CA SER A 289 6.56 -14.07 19.33
C SER A 289 7.09 -12.76 19.92
N LEU A 290 6.54 -11.63 19.47
CA LEU A 290 6.96 -10.36 20.04
C LEU A 290 6.13 -9.95 21.24
N GLY A 291 5.25 -10.85 21.71
CA GLY A 291 4.38 -10.52 22.83
C GLY A 291 3.13 -9.77 22.40
N LEU A 292 2.89 -9.62 21.08
CA LEU A 292 1.71 -8.95 20.52
C LEU A 292 0.54 -9.93 20.51
N LEU A 293 -0.62 -9.45 20.10
CA LEU A 293 -1.85 -10.20 20.30
C LEU A 293 -2.05 -11.22 19.20
N PRO A 294 -2.57 -12.41 19.54
CA PRO A 294 -3.01 -13.33 18.48
C PRO A 294 -4.31 -12.83 17.88
N VAL A 295 -4.53 -13.19 16.62
CA VAL A 295 -5.85 -12.92 16.03
C VAL A 295 -6.88 -13.83 16.70
N PRO A 296 -8.14 -13.40 16.82
CA PRO A 296 -9.12 -14.20 17.53
C PRO A 296 -9.56 -15.41 16.73
N PRO A 297 -10.09 -16.44 17.39
CA PRO A 297 -10.64 -17.60 16.63
C PRO A 297 -11.58 -17.19 15.51
N GLU A 298 -12.39 -16.15 15.74
CA GLU A 298 -13.37 -15.71 14.74
C GLU A 298 -12.68 -15.34 13.42
N PHE A 299 -11.47 -14.79 13.48
CA PHE A 299 -10.75 -14.40 12.27
C PHE A 299 -10.57 -15.61 11.35
N TRP A 300 -10.23 -16.78 11.90
CA TRP A 300 -9.96 -17.94 11.05
C TRP A 300 -11.25 -18.47 10.46
N GLN A 301 -12.38 -18.28 11.15
CA GLN A 301 -13.66 -18.76 10.63
C GLN A 301 -14.23 -17.86 9.54
N LYS A 302 -14.02 -16.53 9.66
CA LYS A 302 -14.73 -15.57 8.80
C LYS A 302 -13.88 -14.99 7.67
N SER A 303 -12.56 -15.09 7.73
CA SER A 303 -11.73 -14.49 6.71
C SER A 303 -11.81 -15.25 5.39
N MET A 304 -11.47 -14.54 4.30
CA MET A 304 -11.39 -15.14 2.95
C MET A 304 -9.93 -15.12 2.57
N LEU A 305 -9.23 -16.23 2.78
CA LEU A 305 -7.76 -16.26 2.63
C LEU A 305 -7.31 -16.80 1.30
N GLU A 306 -8.24 -17.24 0.45
CA GLU A 306 -7.90 -17.60 -0.91
C GLU A 306 -9.10 -17.27 -1.83
N LYS A 307 -8.82 -17.23 -3.12
CA LYS A 307 -9.87 -16.99 -4.11
C LYS A 307 -10.89 -18.12 -4.04
N PRO A 308 -12.20 -17.82 -4.05
CA PRO A 308 -13.18 -18.90 -3.97
C PRO A 308 -13.15 -19.73 -5.24
N THR A 309 -13.52 -21.00 -5.10
CA THR A 309 -13.55 -21.92 -6.22
C THR A 309 -14.95 -22.20 -6.74
N ASP A 310 -15.96 -21.46 -6.27
CA ASP A 310 -17.36 -21.75 -6.51
C ASP A 310 -17.98 -20.83 -7.55
N GLY A 311 -17.18 -20.13 -8.35
CA GLY A 311 -17.69 -19.23 -9.36
C GLY A 311 -17.86 -17.78 -8.93
N ARG A 312 -17.90 -17.52 -7.62
CA ARG A 312 -18.09 -16.15 -7.11
C ARG A 312 -17.07 -15.20 -7.75
N GLU A 313 -17.55 -14.05 -8.21
CA GLU A 313 -16.67 -12.92 -8.47
C GLU A 313 -16.41 -12.23 -7.13
N VAL A 314 -15.16 -11.86 -6.90
CA VAL A 314 -14.76 -11.18 -5.68
C VAL A 314 -13.79 -10.07 -6.04
N VAL A 315 -13.61 -9.16 -5.08
CA VAL A 315 -12.52 -8.20 -5.11
C VAL A 315 -11.29 -8.90 -4.54
N CYS A 316 -10.33 -9.27 -5.43
CA CYS A 316 -9.17 -10.01 -4.98
C CYS A 316 -8.12 -9.20 -4.22
N HIS A 317 -8.05 -7.91 -4.42
CA HIS A 317 -6.97 -7.12 -3.87
C HIS A 317 -6.94 -7.27 -2.36
N ALA A 318 -5.77 -7.56 -1.81
CA ALA A 318 -5.66 -7.91 -0.41
C ALA A 318 -6.04 -6.73 0.47
N SER A 319 -6.84 -7.02 1.51
CA SER A 319 -7.27 -5.97 2.42
C SER A 319 -7.65 -6.54 3.77
N ALA A 320 -7.60 -5.68 4.78
CA ALA A 320 -7.90 -6.02 6.17
C ALA A 320 -9.08 -5.19 6.64
N TRP A 321 -9.94 -5.81 7.44
CA TRP A 321 -11.24 -5.27 7.78
C TRP A 321 -11.49 -5.28 9.27
N ASP A 322 -11.90 -4.11 9.77
CA ASP A 322 -12.34 -3.88 11.15
C ASP A 322 -13.85 -3.73 11.10
N PHE A 323 -14.58 -4.54 11.89
CA PHE A 323 -16.03 -4.51 11.93
C PHE A 323 -16.57 -3.67 13.06
N TYR A 324 -15.68 -2.94 13.75
CA TYR A 324 -16.07 -1.92 14.70
C TYR A 324 -16.89 -2.44 15.86
N ASN A 325 -16.60 -3.69 16.27
CA ASN A 325 -17.18 -4.23 17.49
C ASN A 325 -16.12 -4.79 18.44
N GLY A 326 -14.84 -4.61 18.16
CA GLY A 326 -13.78 -5.03 19.02
C GLY A 326 -13.55 -6.52 19.05
N LYS A 327 -14.23 -7.29 18.19
CA LYS A 327 -14.12 -8.75 18.22
C LYS A 327 -13.92 -9.34 16.83
N ASP A 328 -14.51 -8.72 15.81
CA ASP A 328 -14.57 -9.28 14.46
C ASP A 328 -13.62 -8.52 13.55
N PHE A 329 -12.51 -9.15 13.20
CA PHE A 329 -11.51 -8.62 12.31
C PHE A 329 -11.24 -9.69 11.25
N ARG A 330 -11.07 -9.28 9.99
CA ARG A 330 -10.91 -10.25 8.90
C ARG A 330 -9.94 -9.76 7.84
N ILE A 331 -9.37 -10.73 7.10
CA ILE A 331 -8.58 -10.44 5.92
C ILE A 331 -9.29 -11.06 4.72
N LYS A 332 -9.28 -10.34 3.61
CA LYS A 332 -9.76 -10.79 2.31
C LYS A 332 -8.61 -10.68 1.33
N GLN A 333 -8.08 -11.83 0.89
CA GLN A 333 -6.94 -11.87 0.00
C GLN A 333 -7.03 -13.10 -0.88
N CYS A 334 -6.80 -12.93 -2.18
CA CYS A 334 -6.72 -14.06 -3.11
C CYS A 334 -5.29 -14.62 -3.11
N THR A 335 -4.91 -15.23 -1.99
CA THR A 335 -3.52 -15.57 -1.72
C THR A 335 -3.00 -16.63 -2.70
N THR A 336 -1.83 -16.38 -3.26
CA THR A 336 -1.04 -17.34 -4.00
C THR A 336 0.15 -17.76 -3.14
N VAL A 337 0.57 -19.01 -3.29
CA VAL A 337 1.65 -19.55 -2.45
C VAL A 337 2.97 -19.16 -3.11
N ASN A 338 3.57 -18.07 -2.57
CA ASN A 338 4.88 -17.61 -2.97
C ASN A 338 5.35 -16.61 -1.92
N LEU A 339 6.62 -16.24 -2.00
CA LEU A 339 7.19 -15.36 -0.97
C LEU A 339 6.59 -13.95 -1.03
N GLU A 340 6.30 -13.45 -2.22
CA GLU A 340 5.67 -12.13 -2.37
C GLU A 340 4.37 -12.01 -1.60
N ASP A 341 3.51 -13.04 -1.70
CA ASP A 341 2.26 -13.01 -0.97
C ASP A 341 2.44 -13.38 0.51
N LEU A 342 3.56 -14.03 0.88
CA LEU A 342 3.88 -14.19 2.30
C LEU A 342 4.13 -12.82 2.93
N VAL A 343 4.83 -11.97 2.21
CA VAL A 343 5.03 -10.59 2.66
C VAL A 343 3.70 -9.85 2.73
N VAL A 344 2.86 -9.97 1.69
CA VAL A 344 1.54 -9.34 1.76
C VAL A 344 0.72 -9.84 2.95
N ALA A 345 0.79 -11.15 3.25
CA ALA A 345 0.05 -11.68 4.37
C ALA A 345 0.51 -11.00 5.68
N HIS A 346 1.82 -10.75 5.81
CA HIS A 346 2.31 -10.06 6.99
C HIS A 346 1.81 -8.59 7.00
N HIS A 347 1.84 -7.93 5.85
CA HIS A 347 1.28 -6.58 5.71
C HIS A 347 -0.15 -6.53 6.23
N GLU A 348 -0.97 -7.46 5.80
CA GLU A 348 -2.38 -7.47 6.21
C GLU A 348 -2.53 -7.78 7.68
N MET A 349 -1.75 -8.73 8.20
CA MET A 349 -1.80 -9.07 9.64
C MET A 349 -1.38 -7.90 10.51
N GLY A 350 -0.53 -7.02 9.98
CA GLY A 350 -0.21 -5.81 10.73
C GLY A 350 -1.39 -4.89 10.88
N HIS A 351 -2.23 -4.76 9.84
CA HIS A 351 -3.47 -4.02 10.02
C HIS A 351 -4.33 -4.61 11.10
N ILE A 352 -4.51 -5.94 11.09
CA ILE A 352 -5.30 -6.60 12.12
C ILE A 352 -4.72 -6.32 13.50
N GLN A 353 -3.41 -6.41 13.64
CA GLN A 353 -2.78 -6.09 14.93
C GLN A 353 -3.15 -4.70 15.38
N TYR A 354 -3.10 -3.73 14.47
CA TYR A 354 -3.41 -2.35 14.83
C TYR A 354 -4.86 -2.26 15.31
N PHE A 355 -5.78 -2.91 14.58
CA PHE A 355 -7.20 -2.90 14.95
C PHE A 355 -7.37 -3.40 16.37
N MET A 356 -6.68 -4.50 16.70
CA MET A 356 -6.82 -5.12 18.02
C MET A 356 -6.22 -4.22 19.11
N GLN A 357 -5.13 -3.53 18.79
CA GLN A 357 -4.47 -2.66 19.77
C GLN A 357 -5.27 -1.46 20.14
N TYR A 358 -5.97 -0.83 19.18
CA TYR A 358 -6.73 0.39 19.50
C TYR A 358 -8.23 0.16 19.62
N LYS A 359 -8.65 -1.10 19.83
CA LYS A 359 -10.08 -1.42 19.79
C LYS A 359 -10.88 -0.75 20.89
N ASP A 360 -10.23 -0.29 21.97
CA ASP A 360 -10.95 0.28 23.09
C ASP A 360 -11.01 1.80 23.04
N LEU A 361 -10.46 2.42 22.01
CA LEU A 361 -10.61 3.87 21.86
C LEU A 361 -11.96 4.20 21.25
N PRO A 362 -12.42 5.44 21.43
CA PRO A 362 -13.58 5.93 20.67
C PRO A 362 -13.35 5.69 19.17
N VAL A 363 -14.41 5.32 18.46
CA VAL A 363 -14.24 4.88 17.06
C VAL A 363 -13.61 5.98 16.21
N ALA A 364 -13.87 7.25 16.52
CA ALA A 364 -13.27 8.35 15.77
C ALA A 364 -11.74 8.36 15.86
N LEU A 365 -11.17 7.71 16.88
CA LEU A 365 -9.73 7.64 17.10
C LEU A 365 -9.16 6.28 16.75
N ARG A 366 -9.97 5.38 16.22
CA ARG A 366 -9.57 4.04 15.80
C ARG A 366 -9.00 4.06 14.38
N GLU A 367 -7.84 4.71 14.26
CA GLU A 367 -7.08 4.75 13.02
C GLU A 367 -5.61 4.74 13.42
N GLY A 368 -4.71 4.57 12.44
CA GLY A 368 -3.29 4.66 12.74
C GLY A 368 -2.90 6.10 13.10
N ALA A 369 -1.68 6.26 13.63
CA ALA A 369 -1.22 7.61 14.00
C ALA A 369 -1.29 8.54 12.79
N ASN A 370 -0.92 8.02 11.61
CA ASN A 370 -1.29 8.57 10.31
C ASN A 370 -1.46 7.37 9.38
N PRO A 371 -1.94 7.55 8.17
CA PRO A 371 -2.21 6.37 7.34
C PRO A 371 -0.96 5.57 6.97
N GLY A 372 0.19 6.21 6.97
CA GLY A 372 1.41 5.52 6.71
C GLY A 372 1.79 4.58 7.83
N PHE A 373 1.57 4.97 9.12
CA PHE A 373 1.78 4.02 10.21
C PHE A 373 0.92 2.78 10.08
N HIS A 374 -0.34 2.92 9.63
CA HIS A 374 -1.17 1.72 9.51
C HIS A 374 -0.57 0.75 8.52
N GLU A 375 -0.07 1.30 7.44
CA GLU A 375 0.46 0.41 6.41
C GLU A 375 1.80 -0.20 6.78
N ALA A 376 2.55 0.35 7.73
CA ALA A 376 3.93 -0.02 7.99
C ALA A 376 4.07 -1.22 8.91
N ILE A 377 3.15 -1.45 9.85
CA ILE A 377 3.44 -2.37 10.95
C ILE A 377 3.81 -3.76 10.45
N GLY A 378 2.98 -4.32 9.58
CA GLY A 378 3.25 -5.68 9.11
C GLY A 378 4.52 -5.75 8.30
N ASP A 379 4.78 -4.71 7.53
CA ASP A 379 6.00 -4.64 6.70
C ASP A 379 7.25 -4.67 7.58
N VAL A 380 7.20 -4.06 8.77
CA VAL A 380 8.34 -4.13 9.67
C VAL A 380 8.67 -5.59 10.00
N LEU A 381 7.67 -6.34 10.45
CA LEU A 381 7.93 -7.76 10.75
C LEU A 381 8.41 -8.50 9.51
N ALA A 382 7.83 -8.23 8.35
CA ALA A 382 8.25 -8.88 7.11
C ALA A 382 9.70 -8.62 6.75
N LEU A 383 10.25 -7.49 7.18
CA LEU A 383 11.70 -7.28 6.94
C LEU A 383 12.48 -8.39 7.65
N SER A 384 12.09 -8.73 8.86
CA SER A 384 12.79 -9.84 9.56
C SER A 384 12.46 -11.21 8.97
N VAL A 385 11.23 -11.43 8.51
CA VAL A 385 10.83 -12.71 7.91
C VAL A 385 11.73 -13.00 6.71
N SER A 386 12.05 -11.94 5.92
CA SER A 386 12.79 -12.04 4.68
C SER A 386 14.27 -12.28 4.83
N THR A 387 14.82 -12.15 6.06
CA THR A 387 16.24 -12.37 6.27
C THR A 387 16.60 -13.82 5.96
N PRO A 388 17.83 -14.07 5.50
CA PRO A 388 18.27 -15.47 5.36
C PRO A 388 18.11 -16.29 6.64
N LYS A 389 18.33 -15.69 7.83
CA LYS A 389 18.17 -16.45 9.08
C LYS A 389 16.75 -16.97 9.21
N HIS A 390 15.74 -16.12 9.00
CA HIS A 390 14.37 -16.56 9.18
C HIS A 390 13.96 -17.48 8.04
N LEU A 391 14.31 -17.14 6.79
CA LEU A 391 13.90 -18.02 5.71
C LEU A 391 14.51 -19.40 5.84
N HIS A 392 15.80 -19.51 6.22
CA HIS A 392 16.41 -20.79 6.49
C HIS A 392 15.66 -21.56 7.56
N SER A 393 15.13 -20.85 8.56
CA SER A 393 14.38 -21.53 9.62
C SER A 393 13.06 -22.07 9.12
N LEU A 394 12.52 -21.52 8.04
CA LEU A 394 11.31 -22.02 7.42
C LEU A 394 11.60 -23.08 6.38
N ASN A 395 12.85 -23.46 6.21
CA ASN A 395 13.29 -24.42 5.21
C ASN A 395 13.10 -23.88 3.78
N LEU A 396 13.17 -22.58 3.58
CA LEU A 396 12.98 -21.96 2.28
C LEU A 396 14.26 -21.44 1.70
N LEU A 397 15.38 -21.55 2.42
CA LEU A 397 16.67 -21.10 1.93
C LEU A 397 17.73 -21.98 2.56
N SER A 398 18.78 -22.28 1.81
CA SER A 398 19.93 -22.99 2.37
C SER A 398 20.81 -22.01 3.14
N SER A 399 21.42 -22.50 4.21
CA SER A 399 22.25 -21.64 5.04
C SER A 399 23.33 -20.95 4.21
N GLU A 400 23.58 -19.67 4.52
CA GLU A 400 24.49 -18.84 3.73
C GLU A 400 25.76 -18.43 4.48
N GLY A 401 25.80 -18.58 5.80
CA GLY A 401 27.06 -18.56 6.52
C GLY A 401 27.65 -17.21 6.84
N GLY A 402 27.51 -16.25 5.94
CA GLY A 402 28.14 -14.95 6.11
C GLY A 402 28.85 -14.50 4.85
N SER A 403 28.76 -15.32 3.80
CA SER A 403 29.33 -14.98 2.51
C SER A 403 28.95 -13.56 2.11
N ASP A 404 29.97 -12.78 1.74
N ASP A 404 29.97 -12.75 1.78
CA ASP A 404 29.72 -11.43 1.21
CA ASP A 404 29.73 -11.42 1.25
C ASP A 404 28.89 -11.51 -0.07
C ASP A 404 28.89 -11.49 -0.02
N GLU A 405 29.13 -12.52 -0.91
N GLU A 405 29.12 -12.52 -0.83
CA GLU A 405 28.35 -12.65 -2.14
CA GLU A 405 28.39 -12.66 -2.09
C GLU A 405 26.88 -12.88 -1.83
C GLU A 405 26.91 -12.89 -1.83
N HIS A 406 26.58 -13.81 -0.92
CA HIS A 406 25.19 -14.03 -0.57
C HIS A 406 24.57 -12.78 0.06
N ASP A 407 25.38 -12.01 0.80
CA ASP A 407 24.90 -10.79 1.44
C ASP A 407 24.46 -9.72 0.43
N ILE A 408 25.30 -9.46 -0.58
CA ILE A 408 24.93 -8.50 -1.62
C ILE A 408 23.74 -9.01 -2.44
N ASN A 409 23.70 -10.31 -2.72
CA ASN A 409 22.56 -10.89 -3.38
C ASN A 409 21.27 -10.62 -2.60
N PHE A 410 21.29 -10.86 -1.28
CA PHE A 410 20.14 -10.57 -0.44
C PHE A 410 19.75 -9.10 -0.49
N LEU A 411 20.72 -8.20 -0.37
CA LEU A 411 20.41 -6.78 -0.43
C LEU A 411 19.79 -6.40 -1.77
N MET A 412 20.26 -7.02 -2.86
CA MET A 412 19.67 -6.74 -4.16
C MET A 412 18.22 -7.21 -4.22
N LYS A 413 17.94 -8.42 -3.71
N LYS A 413 17.94 -8.40 -3.70
CA LYS A 413 16.55 -8.89 -3.66
CA LYS A 413 16.55 -8.87 -3.68
C LYS A 413 15.69 -7.87 -2.93
C LYS A 413 15.67 -7.91 -2.90
N MET A 414 16.15 -7.42 -1.77
CA MET A 414 15.35 -6.47 -0.99
C MET A 414 15.22 -5.14 -1.72
N ALA A 415 16.29 -4.65 -2.35
CA ALA A 415 16.24 -3.37 -3.06
C ALA A 415 15.26 -3.40 -4.21
N LEU A 416 15.17 -4.54 -4.92
CA LEU A 416 14.24 -4.64 -6.06
C LEU A 416 12.81 -4.42 -5.62
N ASP A 417 12.46 -4.73 -4.38
CA ASP A 417 11.13 -4.36 -3.88
C ASP A 417 11.13 -2.98 -3.25
N LYS A 418 11.97 -2.76 -2.30
CA LYS A 418 11.85 -1.61 -1.43
C LYS A 418 12.32 -0.31 -2.10
N ILE A 419 13.43 -0.34 -2.82
N ILE A 419 13.43 -0.35 -2.82
CA ILE A 419 13.92 0.88 -3.46
CA ILE A 419 13.92 0.90 -3.46
C ILE A 419 13.12 1.20 -4.72
C ILE A 419 13.13 1.21 -4.73
N ALA A 420 12.83 0.19 -5.54
CA ALA A 420 12.06 0.44 -6.77
C ALA A 420 10.72 1.05 -6.47
N PHE A 421 10.10 0.71 -5.36
CA PHE A 421 8.75 1.21 -5.02
C PHE A 421 8.77 2.65 -4.59
N ILE A 422 9.91 3.20 -4.20
CA ILE A 422 9.90 4.60 -3.72
C ILE A 422 9.40 5.57 -4.77
N PRO A 423 9.92 5.60 -6.00
CA PRO A 423 9.41 6.57 -6.96
C PRO A 423 7.98 6.25 -7.37
N PHE A 424 7.59 4.97 -7.51
CA PHE A 424 6.19 4.67 -7.86
C PHE A 424 5.23 5.20 -6.82
N SER A 425 5.51 4.92 -5.54
CA SER A 425 4.60 5.29 -4.48
C SER A 425 4.54 6.80 -4.31
N TYR A 426 5.61 7.51 -4.68
CA TYR A 426 5.61 8.97 -4.68
C TYR A 426 4.73 9.50 -5.78
N LEU A 427 4.79 8.92 -6.97
CA LEU A 427 4.15 9.56 -8.11
C LEU A 427 2.63 9.38 -8.18
N VAL A 428 2.05 8.32 -7.66
CA VAL A 428 0.61 8.06 -7.86
C VAL A 428 -0.23 9.26 -7.38
N ASP A 429 0.05 9.76 -6.18
CA ASP A 429 -0.70 10.90 -5.67
C ASP A 429 -0.14 12.25 -6.14
N GLN A 430 1.09 12.32 -6.65
CA GLN A 430 1.48 13.54 -7.38
C GLN A 430 0.53 13.74 -8.56
N TRP A 431 0.21 12.66 -9.26
CA TRP A 431 -0.75 12.72 -10.35
C TRP A 431 -2.15 13.05 -9.82
N ARG A 432 -2.65 12.29 -8.84
N ARG A 432 -2.62 12.30 -8.83
CA ARG A 432 -4.02 12.52 -8.39
CA ARG A 432 -3.99 12.47 -8.37
C ARG A 432 -4.20 13.88 -7.75
C ARG A 432 -4.20 13.82 -7.71
N TRP A 433 -3.21 14.36 -6.97
CA TRP A 433 -3.38 15.71 -6.39
C TRP A 433 -3.58 16.76 -7.47
N ARG A 434 -2.89 16.60 -8.61
N ARG A 434 -2.88 16.61 -8.60
CA ARG A 434 -3.03 17.56 -9.70
CA ARG A 434 -3.02 17.55 -9.71
C ARG A 434 -4.30 17.35 -10.50
C ARG A 434 -4.32 17.36 -10.48
N VAL A 435 -4.82 16.12 -10.56
CA VAL A 435 -6.19 15.93 -11.06
C VAL A 435 -7.18 16.64 -10.15
N PHE A 436 -7.07 16.43 -8.85
CA PHE A 436 -8.04 17.03 -7.92
C PHE A 436 -7.96 18.55 -7.91
N ASP A 437 -6.77 19.12 -8.05
CA ASP A 437 -6.66 20.58 -8.07
C ASP A 437 -6.94 21.22 -9.42
N GLY A 438 -7.18 20.41 -10.42
CA GLY A 438 -7.61 20.91 -11.69
C GLY A 438 -6.49 21.19 -12.68
N SER A 439 -5.24 21.00 -12.30
CA SER A 439 -4.12 21.27 -13.22
C SER A 439 -3.92 20.18 -14.24
N ILE A 440 -4.51 19.02 -14.03
CA ILE A 440 -4.62 17.93 -15.01
C ILE A 440 -6.12 17.71 -15.25
N THR A 441 -6.55 17.77 -16.52
CA THR A 441 -7.94 17.56 -16.87
C THR A 441 -8.07 16.27 -17.65
N LYS A 442 -9.31 15.90 -18.02
CA LYS A 442 -9.47 14.71 -18.86
C LYS A 442 -8.79 14.86 -20.21
N GLU A 443 -8.47 16.08 -20.62
CA GLU A 443 -7.73 16.27 -21.86
C GLU A 443 -6.35 15.65 -21.79
N ASN A 444 -5.75 15.56 -20.62
CA ASN A 444 -4.35 15.11 -20.51
C ASN A 444 -4.09 14.18 -19.33
N TYR A 445 -5.11 13.48 -18.83
CA TYR A 445 -4.90 12.48 -17.79
C TYR A 445 -3.69 11.59 -18.08
N ASN A 446 -3.70 10.96 -19.26
CA ASN A 446 -2.78 9.88 -19.53
C ASN A 446 -1.42 10.42 -19.93
N GLN A 447 -1.36 11.53 -20.64
N GLN A 447 -1.38 11.53 -20.64
CA GLN A 447 -0.10 12.16 -20.95
CA GLN A 447 -0.10 12.17 -20.96
C GLN A 447 0.62 12.57 -19.68
C GLN A 447 0.62 12.59 -19.69
N GLU A 448 -0.10 13.17 -18.72
CA GLU A 448 0.55 13.61 -17.50
C GLU A 448 0.97 12.43 -16.64
N TRP A 449 0.19 11.35 -16.62
CA TRP A 449 0.63 10.14 -15.95
C TRP A 449 1.98 9.69 -16.49
N TRP A 450 2.11 9.56 -17.81
CA TRP A 450 3.39 9.15 -18.41
C TRP A 450 4.50 10.16 -18.19
N SER A 451 4.19 11.45 -18.15
N SER A 451 4.19 11.45 -18.13
N SER A 451 4.19 11.45 -18.15
CA SER A 451 5.24 12.43 -17.84
CA SER A 451 5.25 12.42 -17.84
CA SER A 451 5.23 12.43 -17.83
C SER A 451 5.82 12.18 -16.46
C SER A 451 5.82 12.19 -16.45
C SER A 451 5.82 12.19 -16.45
N LEU A 452 4.99 11.78 -15.49
CA LEU A 452 5.47 11.50 -14.15
C LEU A 452 6.12 10.13 -14.04
N ARG A 453 5.63 9.12 -14.76
CA ARG A 453 6.31 7.82 -14.84
C ARG A 453 7.72 7.99 -15.36
N LEU A 454 7.93 8.88 -16.30
CA LEU A 454 9.27 9.19 -16.78
C LEU A 454 10.04 9.97 -15.73
N LYS A 455 9.48 11.09 -15.25
CA LYS A 455 10.24 11.97 -14.36
C LYS A 455 10.73 11.24 -13.13
N TYR A 456 9.83 10.49 -12.50
CA TYR A 456 10.18 9.90 -11.20
C TYR A 456 10.74 8.49 -11.30
N GLN A 457 10.14 7.64 -12.14
CA GLN A 457 10.58 6.24 -12.22
C GLN A 457 11.56 5.97 -13.38
N GLY A 458 11.65 6.87 -14.37
CA GLY A 458 12.51 6.56 -15.49
C GLY A 458 11.98 5.41 -16.30
N LEU A 459 10.67 5.34 -16.52
CA LEU A 459 10.02 4.31 -17.32
C LEU A 459 9.32 4.97 -18.50
N CYS A 460 9.17 4.20 -19.57
CA CYS A 460 8.44 4.62 -20.77
C CYS A 460 7.44 3.54 -21.15
N PRO A 461 6.36 3.89 -21.81
CA PRO A 461 5.39 2.86 -22.24
C PRO A 461 5.94 2.14 -23.46
N PRO A 462 5.80 0.81 -23.52
CA PRO A 462 6.37 0.07 -24.66
C PRO A 462 5.59 0.30 -25.93
N VAL A 463 4.33 0.68 -25.84
CA VAL A 463 3.49 1.02 -26.98
C VAL A 463 3.01 2.44 -26.82
N PRO A 464 3.00 3.27 -27.86
CA PRO A 464 2.50 4.64 -27.70
C PRO A 464 1.06 4.63 -27.23
N ARG A 465 0.75 5.54 -26.35
CA ARG A 465 -0.60 5.60 -25.82
C ARG A 465 -1.45 6.41 -26.79
N THR A 466 -2.75 6.13 -26.76
CA THR A 466 -3.67 6.79 -27.69
C THR A 466 -4.82 7.41 -26.91
N GLN A 467 -5.48 8.40 -27.54
CA GLN A 467 -6.71 8.91 -26.96
C GLN A 467 -7.63 7.73 -26.67
N GLY A 468 -8.24 7.75 -25.48
CA GLY A 468 -9.06 6.65 -25.02
C GLY A 468 -8.36 5.81 -23.94
N ASP A 469 -7.04 5.83 -23.92
CA ASP A 469 -6.31 5.10 -22.88
C ASP A 469 -6.44 5.88 -21.57
N PHE A 470 -6.47 5.12 -20.47
CA PHE A 470 -6.56 5.69 -19.12
C PHE A 470 -5.80 4.71 -18.22
N ASP A 471 -4.49 4.71 -18.40
CA ASP A 471 -3.63 3.77 -17.70
C ASP A 471 -3.69 3.88 -16.18
N PRO A 472 -3.89 5.06 -15.54
CA PRO A 472 -4.09 5.03 -14.08
C PRO A 472 -5.25 4.14 -13.67
N GLY A 473 -6.27 4.03 -14.49
CA GLY A 473 -7.43 3.20 -14.18
C GLY A 473 -7.10 1.72 -14.04
N ALA A 474 -5.97 1.32 -14.55
CA ALA A 474 -5.52 -0.08 -14.48
C ALA A 474 -4.77 -0.40 -13.19
N LYS A 475 -4.69 0.56 -12.24
CA LYS A 475 -4.07 0.38 -10.93
C LYS A 475 -5.19 0.46 -9.89
N PHE A 476 -5.33 -0.59 -9.07
CA PHE A 476 -6.49 -0.76 -8.18
C PHE A 476 -6.91 0.50 -7.43
N HIS A 477 -5.95 1.21 -6.84
CA HIS A 477 -6.27 2.31 -5.93
C HIS A 477 -6.93 3.47 -6.61
N ILE A 478 -6.79 3.59 -7.91
CA ILE A 478 -7.46 4.68 -8.67
C ILE A 478 -8.96 4.48 -8.73
N PRO A 479 -9.48 3.40 -9.35
CA PRO A 479 -10.95 3.20 -9.32
C PRO A 479 -11.50 2.95 -7.93
N SER A 480 -10.68 2.39 -7.01
CA SER A 480 -11.18 2.17 -5.65
C SER A 480 -11.10 3.39 -4.75
N SER A 481 -10.54 4.49 -5.21
CA SER A 481 -10.45 5.71 -4.41
C SER A 481 -9.79 5.47 -3.06
N VAL A 482 -8.62 4.87 -3.10
CA VAL A 482 -7.78 4.63 -1.93
C VAL A 482 -6.54 5.52 -2.08
N PRO A 483 -6.29 6.43 -1.16
CA PRO A 483 -5.07 7.26 -1.28
C PRO A 483 -3.81 6.38 -1.32
N TYR A 484 -2.74 6.91 -1.95
CA TYR A 484 -1.48 6.17 -2.15
C TYR A 484 -0.28 6.68 -1.40
N ILE A 485 -0.23 7.97 -1.06
CA ILE A 485 1.00 8.47 -0.43
C ILE A 485 1.30 7.73 0.88
N ARG A 486 0.29 7.16 1.53
CA ARG A 486 0.50 6.28 2.67
C ARG A 486 1.56 5.22 2.42
N TYR A 487 1.67 4.72 1.21
CA TYR A 487 2.62 3.63 0.95
C TYR A 487 4.05 4.17 0.84
N PHE A 488 4.24 5.34 0.29
CA PHE A 488 5.52 6.04 0.34
C PHE A 488 5.96 6.28 1.76
N VAL A 489 5.09 6.89 2.59
CA VAL A 489 5.40 7.13 3.99
C VAL A 489 5.76 5.80 4.66
N SER A 490 4.95 4.76 4.44
CA SER A 490 5.18 3.44 5.03
C SER A 490 6.56 2.95 4.70
N PHE A 491 6.98 3.03 3.44
CA PHE A 491 8.29 2.42 3.09
C PHE A 491 9.45 3.18 3.73
N ILE A 492 9.37 4.47 3.93
CA ILE A 492 10.39 5.21 4.67
C ILE A 492 10.37 4.80 6.14
N ILE A 493 9.21 4.92 6.79
CA ILE A 493 9.16 4.79 8.23
C ILE A 493 9.33 3.33 8.67
N GLN A 494 9.04 2.34 7.84
CA GLN A 494 9.22 0.94 8.27
C GLN A 494 10.69 0.65 8.52
N PHE A 495 11.61 1.30 7.80
CA PHE A 495 13.03 1.14 8.10
C PHE A 495 13.43 1.86 9.36
N GLN A 496 12.83 3.01 9.65
CA GLN A 496 13.07 3.66 10.93
C GLN A 496 12.61 2.76 12.09
N PHE A 497 11.47 2.11 11.91
CA PHE A 497 10.96 1.23 12.96
C PHE A 497 11.83 -0.03 13.08
N HIS A 498 12.25 -0.63 11.96
CA HIS A 498 13.18 -1.77 12.03
C HIS A 498 14.43 -1.37 12.80
N GLU A 499 15.04 -0.26 12.45
CA GLU A 499 16.26 0.19 13.16
C GLU A 499 16.02 0.32 14.66
N ALA A 500 14.92 0.95 15.05
CA ALA A 500 14.64 1.15 16.46
C ALA A 500 14.36 -0.16 17.18
N LEU A 501 13.60 -1.06 16.56
CA LEU A 501 13.29 -2.32 17.23
C LEU A 501 14.52 -3.22 17.31
N CYS A 502 15.38 -3.19 16.30
CA CYS A 502 16.65 -3.89 16.34
C CYS A 502 17.52 -3.41 17.48
N GLN A 503 17.58 -2.08 17.68
CA GLN A 503 18.30 -1.53 18.83
C GLN A 503 17.66 -1.98 20.15
N ALA A 504 16.33 -1.95 20.22
CA ALA A 504 15.63 -2.40 21.42
C ALA A 504 15.93 -3.85 21.74
N ALA A 505 16.15 -4.65 20.73
CA ALA A 505 16.42 -6.07 20.87
C ALA A 505 17.89 -6.36 21.10
N GLY A 506 18.73 -5.32 21.16
CA GLY A 506 20.15 -5.51 21.44
C GLY A 506 21.01 -5.94 20.27
N HIS A 507 20.51 -5.82 19.04
N HIS A 507 20.54 -5.76 19.04
CA HIS A 507 21.29 -6.20 17.86
CA HIS A 507 21.31 -6.22 17.90
C HIS A 507 22.42 -5.20 17.65
C HIS A 507 22.37 -5.21 17.51
N THR A 508 23.56 -5.71 17.23
CA THR A 508 24.68 -4.91 16.79
C THR A 508 25.08 -5.39 15.40
N GLY A 509 25.89 -4.59 14.72
CA GLY A 509 26.32 -4.94 13.40
C GLY A 509 25.32 -4.43 12.37
N PRO A 510 25.53 -4.80 11.11
CA PRO A 510 24.78 -4.17 10.03
C PRO A 510 23.27 -4.32 10.21
N LEU A 511 22.56 -3.23 9.95
CA LEU A 511 21.11 -3.23 10.18
C LEU A 511 20.43 -4.32 9.38
N HIS A 512 20.91 -4.59 8.15
CA HIS A 512 20.21 -5.57 7.31
C HIS A 512 20.34 -7.00 7.80
N LYS A 513 21.21 -7.29 8.77
CA LYS A 513 21.34 -8.60 9.34
C LYS A 513 20.39 -8.84 10.51
N CYS A 514 19.62 -7.84 10.91
CA CYS A 514 18.78 -7.94 12.12
C CYS A 514 17.52 -8.78 11.82
N ASP A 515 17.17 -9.64 12.81
CA ASP A 515 15.93 -10.41 12.82
C ASP A 515 15.38 -10.27 14.21
N ILE A 516 14.18 -9.65 14.33
CA ILE A 516 13.62 -9.39 15.65
C ILE A 516 12.71 -10.49 16.15
N TYR A 517 12.66 -11.64 15.45
CA TYR A 517 11.79 -12.71 15.90
C TYR A 517 12.02 -12.98 17.36
N GLN A 518 10.92 -13.06 18.13
CA GLN A 518 10.83 -13.43 19.54
C GLN A 518 11.21 -12.27 20.49
N SER A 519 11.50 -11.08 20.00
CA SER A 519 11.90 -9.97 20.88
C SER A 519 10.68 -9.35 21.55
N LYS A 520 10.54 -9.54 22.86
CA LYS A 520 9.47 -8.92 23.60
C LYS A 520 9.73 -7.42 23.74
N GLU A 521 11.00 -7.01 23.84
CA GLU A 521 11.31 -5.58 23.85
C GLU A 521 10.85 -4.89 22.57
N ALA A 522 11.02 -5.53 21.43
CA ALA A 522 10.56 -4.95 20.17
C ALA A 522 9.04 -4.85 20.15
N GLY A 523 8.37 -5.91 20.60
CA GLY A 523 6.92 -5.87 20.62
C GLY A 523 6.36 -4.79 21.52
N GLN A 524 6.98 -4.55 22.67
CA GLN A 524 6.48 -3.53 23.60
C GLN A 524 6.55 -2.15 22.99
N ARG A 525 7.62 -1.83 22.25
CA ARG A 525 7.71 -0.54 21.58
C ARG A 525 6.57 -0.36 20.62
N LEU A 526 6.28 -1.37 19.80
CA LEU A 526 5.21 -1.26 18.83
C LEU A 526 3.85 -1.14 19.51
N ALA A 527 3.58 -1.94 20.50
CA ALA A 527 2.29 -1.96 21.15
C ALA A 527 1.97 -0.62 21.79
N THR A 528 2.95 0.00 22.46
N THR A 528 2.95 0.00 22.44
CA THR A 528 2.66 1.29 23.08
CA THR A 528 2.68 1.28 23.09
C THR A 528 2.23 2.30 22.03
C THR A 528 2.27 2.31 22.05
N ALA A 529 2.91 2.32 20.89
CA ALA A 529 2.52 3.29 19.84
C ALA A 529 1.16 2.95 19.24
N MET A 530 0.92 1.67 18.94
CA MET A 530 -0.33 1.29 18.32
C MET A 530 -1.54 1.56 19.21
N LYS A 531 -1.40 1.40 20.52
CA LYS A 531 -2.50 1.69 21.47
C LYS A 531 -2.99 3.13 21.41
N LEU A 532 -2.15 4.06 20.93
CA LEU A 532 -2.55 5.45 20.80
C LEU A 532 -3.55 5.64 19.68
N GLY A 533 -3.64 4.71 18.75
CA GLY A 533 -4.46 4.96 17.56
C GLY A 533 -4.20 6.33 17.00
N PHE A 534 -5.28 7.09 16.77
CA PHE A 534 -5.27 8.45 16.25
C PHE A 534 -5.54 9.48 17.35
N SER A 535 -5.25 9.13 18.60
CA SER A 535 -5.56 10.04 19.70
C SER A 535 -4.62 11.23 19.81
N ARG A 536 -3.42 11.15 19.25
CA ARG A 536 -2.42 12.22 19.35
C ARG A 536 -1.80 12.41 17.97
N PRO A 537 -1.25 13.57 17.69
CA PRO A 537 -0.62 13.74 16.37
C PRO A 537 0.55 12.77 16.26
N TRP A 538 0.85 12.35 15.04
CA TRP A 538 1.71 11.19 14.81
C TRP A 538 3.14 11.35 15.29
N PRO A 539 3.71 12.54 15.48
CA PRO A 539 5.08 12.61 16.02
C PRO A 539 5.22 11.96 17.37
N GLU A 540 4.16 11.90 18.19
N GLU A 540 4.15 11.88 18.17
CA GLU A 540 4.27 11.22 19.48
CA GLU A 540 4.26 11.23 19.48
C GLU A 540 4.51 9.73 19.29
C GLU A 540 4.47 9.73 19.33
N ALA A 541 3.72 9.08 18.42
CA ALA A 541 3.95 7.68 18.13
C ALA A 541 5.33 7.43 17.54
N MET A 542 5.78 8.33 16.65
CA MET A 542 7.12 8.22 16.11
C MET A 542 8.15 8.24 17.22
N GLN A 543 7.98 9.13 18.18
CA GLN A 543 8.89 9.27 19.33
C GLN A 543 8.87 8.03 20.19
N LEU A 544 7.70 7.50 20.48
CA LEU A 544 7.63 6.27 21.28
C LEU A 544 8.40 5.12 20.63
N ILE A 545 8.31 4.94 19.32
CA ILE A 545 9.00 3.84 18.66
C ILE A 545 10.48 4.11 18.53
N THR A 546 10.88 5.31 18.06
CA THR A 546 12.24 5.54 17.59
C THR A 546 13.07 6.46 18.46
N GLY A 547 12.48 7.10 19.45
CA GLY A 547 13.21 8.02 20.25
C GLY A 547 13.39 9.41 19.68
N GLN A 548 12.74 9.73 18.58
CA GLN A 548 12.77 11.07 18.00
C GLN A 548 11.50 11.21 17.18
N PRO A 549 11.17 12.46 16.71
CA PRO A 549 9.80 12.70 16.23
C PRO A 549 9.65 12.80 14.73
N GLN A 550 10.73 12.76 13.95
CA GLN A 550 10.65 13.05 12.52
C GLN A 550 10.61 11.80 11.66
N MET A 551 10.06 11.95 10.44
CA MET A 551 10.30 11.01 9.37
C MET A 551 11.71 11.25 8.83
N SER A 552 12.42 10.18 8.53
CA SER A 552 13.81 10.26 8.11
C SER A 552 14.17 9.08 7.23
N ALA A 553 14.88 9.35 6.12
CA ALA A 553 15.36 8.32 5.24
C ALA A 553 16.68 7.68 5.73
N SER A 554 17.24 8.15 6.85
N SER A 554 17.25 8.18 6.82
CA SER A 554 18.56 7.69 7.28
CA SER A 554 18.57 7.68 7.25
C SER A 554 18.59 6.20 7.56
C SER A 554 18.56 6.17 7.48
N ALA A 555 17.49 5.63 8.09
CA ALA A 555 17.48 4.21 8.39
C ALA A 555 17.47 3.38 7.12
N MET A 556 16.65 3.77 6.15
CA MET A 556 16.65 3.03 4.87
C MET A 556 18.01 3.13 4.20
N LEU A 557 18.62 4.33 4.20
CA LEU A 557 19.96 4.47 3.61
C LEU A 557 20.99 3.61 4.33
N SER A 558 20.92 3.52 5.67
N SER A 558 20.93 3.52 5.66
CA SER A 558 21.86 2.68 6.42
CA SER A 558 21.86 2.68 6.40
C SER A 558 21.67 1.21 6.06
C SER A 558 21.68 1.22 6.04
N TYR A 559 20.42 0.76 6.00
CA TYR A 559 20.14 -0.62 5.61
C TYR A 559 20.81 -0.99 4.31
N PHE A 560 20.69 -0.09 3.31
CA PHE A 560 21.18 -0.39 1.95
C PHE A 560 22.57 0.12 1.64
N LYS A 561 23.29 0.70 2.61
CA LYS A 561 24.61 1.26 2.33
C LYS A 561 25.55 0.30 1.63
N PRO A 562 25.68 -0.95 2.06
CA PRO A 562 26.58 -1.87 1.33
C PRO A 562 26.21 -2.05 -0.12
N LEU A 563 24.92 -2.04 -0.40
CA LEU A 563 24.49 -2.17 -1.79
C LEU A 563 24.75 -0.91 -2.60
N LEU A 564 24.54 0.26 -2.00
CA LEU A 564 24.88 1.51 -2.68
C LEU A 564 26.34 1.46 -3.12
N ASP A 565 27.23 1.06 -2.20
CA ASP A 565 28.65 1.01 -2.52
C ASP A 565 28.91 0.00 -3.66
N TRP A 566 28.30 -1.18 -3.60
CA TRP A 566 28.49 -2.17 -4.64
C TRP A 566 27.96 -1.68 -5.98
N LEU A 567 26.77 -1.08 -6.00
CA LEU A 567 26.20 -0.58 -7.25
C LEU A 567 27.05 0.51 -7.86
N ARG A 568 27.56 1.42 -7.03
CA ARG A 568 28.41 2.49 -7.56
C ARG A 568 29.63 1.90 -8.24
N THR A 569 30.30 0.96 -7.60
CA THR A 569 31.50 0.37 -8.18
C THR A 569 31.14 -0.33 -9.48
N GLU A 570 30.06 -1.11 -9.46
CA GLU A 570 29.65 -1.86 -10.66
C GLU A 570 29.26 -0.92 -11.81
N ASN A 571 28.47 0.11 -11.53
CA ASN A 571 28.04 1.01 -12.61
C ASN A 571 29.21 1.81 -13.15
N GLU A 572 30.14 2.20 -12.27
N GLU A 572 30.14 2.20 -12.28
CA GLU A 572 31.32 2.92 -12.72
CA GLU A 572 31.32 2.92 -12.75
C GLU A 572 32.18 2.06 -13.64
C GLU A 572 32.17 2.06 -13.66
N LEU A 573 32.33 0.77 -13.31
CA LEU A 573 33.12 -0.17 -14.11
C LEU A 573 32.54 -0.29 -15.52
N HIS A 574 31.23 -0.26 -15.63
CA HIS A 574 30.56 -0.41 -16.91
C HIS A 574 30.31 0.88 -17.63
N GLY A 575 30.64 2.00 -17.03
CA GLY A 575 30.49 3.30 -17.65
C GLY A 575 29.06 3.77 -17.74
N GLU A 576 28.22 3.40 -16.80
CA GLU A 576 26.82 3.79 -16.93
C GLU A 576 26.67 5.30 -16.79
N LYS A 577 25.72 5.84 -17.52
CA LYS A 577 25.28 7.22 -17.34
C LYS A 577 23.96 7.16 -16.59
N LEU A 578 23.99 7.53 -15.31
CA LEU A 578 22.79 7.48 -14.48
C LEU A 578 21.72 8.41 -15.04
N GLY A 579 20.48 8.01 -14.85
CA GLY A 579 19.36 8.82 -15.28
C GLY A 579 18.98 8.66 -16.74
N TRP A 580 18.22 9.61 -17.23
CA TRP A 580 17.58 9.57 -18.55
C TRP A 580 17.22 11.01 -18.90
N PRO A 581 16.83 11.28 -20.13
CA PRO A 581 16.52 12.66 -20.47
C PRO A 581 15.09 13.09 -20.11
#